data_1S8F
#
_entry.id   1S8F
#
_cell.length_a   98.245
_cell.length_b   98.245
_cell.length_c   79.660
_cell.angle_alpha   90.00
_cell.angle_beta   90.00
_cell.angle_gamma   90.00
#
_symmetry.space_group_name_H-M   'I 41'
#
loop_
_entity.id
_entity.type
_entity.pdbx_description
1 polymer 'Ras-related protein Rab-9A'
2 non-polymer 'STRONTIUM ION'
3 non-polymer "GUANOSINE-5'-DIPHOSPHATE"
4 non-polymer 'BENZOIC ACID'
5 non-polymer 'MAGNESIUM ION'
6 non-polymer 'CHLORIDE ION'
7 water water
#
_entity_poly.entity_id   1
_entity_poly.type   'polypeptide(L)'
_entity_poly.pdbx_seq_one_letter_code
;GAMAGKSSLFKVILLGDGGVGKSSLMNRYVTNKFDTQLFHTIGVEFLNKDLEVDGHFVTMQIWDTAGQERFRSLRTPFYR
GSDCCLLTFSVDDSQSFQNLSNWKKEFIYYADVKEPESFPFVILGNKIDISERQVSTEEAQAWCRDNGDYPYFETSAKDA
TNVAAAFEEAVRRVLAT
;
_entity_poly.pdbx_strand_id   A,B
#
# COMPACT_ATOMS: atom_id res chain seq x y z
N SER A 7 2.61 -11.02 -22.63
CA SER A 7 3.62 -11.83 -23.29
C SER A 7 3.56 -13.26 -22.74
N SER A 8 4.56 -13.64 -21.94
CA SER A 8 4.48 -14.79 -21.06
C SER A 8 3.95 -14.32 -19.71
N LEU A 9 3.28 -13.17 -19.77
CA LEU A 9 2.69 -12.45 -18.66
C LEU A 9 1.17 -12.60 -18.65
N PHE A 10 0.70 -12.96 -17.47
CA PHE A 10 -0.77 -13.06 -17.35
C PHE A 10 -1.14 -12.40 -16.02
N LYS A 11 -2.42 -12.07 -15.95
CA LYS A 11 -2.83 -11.22 -14.83
C LYS A 11 -4.01 -11.87 -14.08
N VAL A 12 -3.94 -11.79 -12.76
CA VAL A 12 -5.06 -12.27 -11.94
C VAL A 12 -5.34 -11.23 -10.87
N ILE A 13 -6.60 -11.15 -10.45
CA ILE A 13 -6.97 -10.15 -9.46
C ILE A 13 -7.81 -10.81 -8.37
N LEU A 14 -7.49 -10.41 -7.15
CA LEU A 14 -8.22 -10.71 -5.94
C LEU A 14 -9.23 -9.57 -5.70
N LEU A 15 -10.47 -10.00 -5.52
CA LEU A 15 -11.58 -9.12 -5.18
C LEU A 15 -12.38 -9.66 -4.00
N GLY A 16 -12.68 -8.76 -3.07
CA GLY A 16 -13.48 -9.17 -1.92
C GLY A 16 -13.47 -8.01 -0.94
N ASP A 17 -14.31 -8.08 0.09
CA ASP A 17 -14.37 -7.00 1.07
C ASP A 17 -13.02 -6.65 1.67
N GLY A 18 -12.96 -5.40 2.14
CA GLY A 18 -11.76 -4.95 2.84
C GLY A 18 -11.58 -5.76 4.11
N GLY A 19 -10.35 -6.18 4.39
CA GLY A 19 -10.05 -6.94 5.57
C GLY A 19 -10.03 -8.43 5.42
N VAL A 20 -10.54 -9.00 4.34
CA VAL A 20 -10.61 -10.46 4.24
C VAL A 20 -9.26 -11.15 4.07
N GLY A 21 -8.24 -10.38 3.70
CA GLY A 21 -6.88 -10.83 3.63
C GLY A 21 -6.24 -10.89 2.27
N LYS A 22 -6.68 -10.09 1.31
CA LYS A 22 -6.15 -10.13 -0.07
C LYS A 22 -4.68 -9.75 -0.13
N SER A 23 -4.30 -8.64 0.47
CA SER A 23 -2.92 -8.14 0.47
C SER A 23 -2.01 -9.21 1.08
N SER A 24 -2.46 -9.78 2.21
CA SER A 24 -1.71 -10.81 2.89
C SER A 24 -1.60 -12.09 2.09
N LEU A 25 -2.66 -12.50 1.40
CA LEU A 25 -2.59 -13.68 0.55
C LEU A 25 -1.55 -13.51 -0.57
N MET A 26 -1.54 -12.31 -1.14
CA MET A 26 -0.59 -11.99 -2.21
C MET A 26 0.83 -12.07 -1.69
N ASN A 27 1.02 -11.41 -0.55
CA ASN A 27 2.35 -11.40 0.02
C ASN A 27 2.81 -12.81 0.41
N ARG A 28 1.95 -13.59 1.02
CA ARG A 28 2.27 -14.97 1.38
C ARG A 28 2.64 -15.79 0.14
N TYR A 29 1.83 -15.69 -0.91
CA TYR A 29 2.10 -16.44 -2.13
C TYR A 29 3.43 -16.03 -2.75
N VAL A 30 3.60 -14.72 -2.89
CA VAL A 30 4.78 -14.19 -3.60
C VAL A 30 6.05 -14.21 -2.77
N THR A 31 5.96 -13.85 -1.48
CA THR A 31 7.18 -13.76 -0.69
C THR A 31 7.25 -14.81 0.41
N ASN A 32 6.30 -15.72 0.48
CA ASN A 32 6.17 -16.68 1.57
C ASN A 32 6.32 -16.07 2.97
N LYS A 33 5.81 -14.86 3.15
CA LYS A 33 5.79 -14.25 4.47
C LYS A 33 4.39 -13.78 4.81
N PHE A 34 4.17 -13.74 6.12
CA PHE A 34 2.97 -13.19 6.73
C PHE A 34 3.45 -12.00 7.55
N ASP A 35 3.33 -10.81 6.96
CA ASP A 35 3.62 -9.65 7.80
C ASP A 35 2.30 -8.98 8.12
N THR A 36 2.25 -8.44 9.32
CA THR A 36 1.14 -7.84 10.03
C THR A 36 0.98 -6.35 9.79
N GLN A 37 1.94 -5.67 9.17
CA GLN A 37 1.74 -4.24 8.92
C GLN A 37 1.91 -3.93 7.44
N LEU A 38 0.96 -4.38 6.63
CA LEU A 38 1.06 -4.09 5.20
C LEU A 38 0.51 -2.68 4.99
N PHE A 39 1.00 -2.03 3.94
CA PHE A 39 0.43 -0.72 3.64
C PHE A 39 -1.07 -0.88 3.32
N HIS A 40 -1.81 0.15 3.69
CA HIS A 40 -3.19 0.34 3.32
C HIS A 40 -3.18 1.16 2.02
N THR A 41 -3.67 0.53 0.97
CA THR A 41 -3.65 1.22 -0.31
C THR A 41 -5.06 1.66 -0.70
N ILE A 42 -5.17 2.97 -0.84
CA ILE A 42 -6.35 3.57 -1.46
C ILE A 42 -6.07 3.62 -2.98
N GLY A 43 -6.56 2.54 -3.61
CA GLY A 43 -6.39 2.25 -5.01
C GLY A 43 -6.17 0.78 -5.22
N VAL A 44 -5.08 0.44 -5.89
CA VAL A 44 -4.83 -0.96 -6.22
C VAL A 44 -3.36 -1.27 -5.97
N GLU A 45 -3.00 -2.54 -6.06
CA GLU A 45 -1.66 -3.00 -5.73
C GLU A 45 -1.35 -4.21 -6.59
N PHE A 46 -0.07 -4.43 -6.90
CA PHE A 46 0.22 -5.68 -7.59
C PHE A 46 1.63 -6.14 -7.20
N LEU A 47 1.85 -7.42 -7.43
CA LEU A 47 3.12 -8.10 -7.26
C LEU A 47 3.27 -9.08 -8.43
N ASN A 48 4.50 -9.20 -8.88
CA ASN A 48 4.85 -10.22 -9.86
C ASN A 48 5.24 -11.55 -9.19
N LYS A 49 4.69 -12.62 -9.70
CA LYS A 49 5.03 -13.99 -9.35
C LYS A 49 5.76 -14.64 -10.53
N ASP A 50 7.03 -14.92 -10.36
CA ASP A 50 7.77 -15.56 -11.45
C ASP A 50 7.58 -17.07 -11.34
N LEU A 51 6.99 -17.66 -12.37
CA LEU A 51 6.77 -19.10 -12.39
C LEU A 51 7.36 -19.75 -13.65
N GLU A 52 7.25 -21.06 -13.64
CA GLU A 52 7.73 -21.88 -14.74
C GLU A 52 6.69 -22.97 -14.94
N VAL A 53 6.01 -22.88 -16.09
CA VAL A 53 4.99 -23.88 -16.41
C VAL A 53 5.32 -24.55 -17.73
N ASP A 54 5.07 -25.86 -17.81
CA ASP A 54 5.41 -26.60 -19.02
C ASP A 54 6.84 -26.34 -19.47
N GLY A 55 7.77 -26.17 -18.54
CA GLY A 55 9.14 -25.94 -19.01
C GLY A 55 9.34 -24.57 -19.63
N HIS A 56 8.41 -23.65 -19.33
CA HIS A 56 8.57 -22.27 -19.76
C HIS A 56 8.51 -21.29 -18.59
N PHE A 57 9.12 -20.14 -18.83
CA PHE A 57 8.99 -19.09 -17.83
C PHE A 57 7.65 -18.38 -18.07
N VAL A 58 6.86 -18.24 -17.02
CA VAL A 58 5.65 -17.42 -17.07
C VAL A 58 5.60 -16.55 -15.82
N THR A 59 5.15 -15.33 -16.00
CA THR A 59 5.01 -14.41 -14.89
C THR A 59 3.54 -14.16 -14.56
N MET A 60 3.13 -14.51 -13.34
CA MET A 60 1.76 -14.17 -12.94
C MET A 60 1.80 -12.87 -12.16
N GLN A 61 1.05 -11.90 -12.70
CA GLN A 61 1.00 -10.59 -12.05
C GLN A 61 -0.30 -10.56 -11.25
N ILE A 62 -0.15 -10.40 -9.94
CA ILE A 62 -1.29 -10.55 -9.02
C ILE A 62 -1.71 -9.18 -8.52
N TRP A 63 -2.97 -8.84 -8.76
CA TRP A 63 -3.50 -7.58 -8.29
C TRP A 63 -4.55 -7.75 -7.19
N ASP A 64 -4.70 -6.69 -6.42
CA ASP A 64 -5.91 -6.63 -5.57
C ASP A 64 -6.25 -5.16 -5.41
N THR A 65 -7.29 -4.88 -4.63
CA THR A 65 -7.83 -3.53 -4.60
C THR A 65 -8.25 -3.18 -3.18
N ALA A 66 -8.43 -1.90 -2.94
CA ALA A 66 -9.19 -1.42 -1.80
C ALA A 66 -10.62 -1.98 -1.86
N GLY A 67 -11.22 -2.41 -0.75
CA GLY A 67 -12.54 -3.02 -0.83
C GLY A 67 -13.70 -2.08 -0.59
N GLN A 68 -13.44 -0.87 -0.12
CA GLN A 68 -14.55 0.05 0.18
C GLN A 68 -15.34 0.47 -1.05
N GLU A 69 -16.67 0.50 -0.90
CA GLU A 69 -17.50 0.93 -2.00
C GLU A 69 -17.10 2.30 -2.53
N ARG A 70 -16.75 3.24 -1.66
CA ARG A 70 -16.42 4.55 -2.18
C ARG A 70 -15.14 4.58 -3.03
N PHE A 71 -14.36 3.51 -3.04
CA PHE A 71 -13.12 3.55 -3.86
C PHE A 71 -13.28 2.78 -5.15
N ARG A 72 -14.51 2.47 -5.53
CA ARG A 72 -14.74 1.73 -6.75
C ARG A 72 -14.03 2.32 -7.98
N SER A 73 -14.06 3.62 -8.14
CA SER A 73 -13.58 4.31 -9.34
C SER A 73 -12.05 4.23 -9.50
N LEU A 74 -11.38 3.93 -8.40
CA LEU A 74 -9.93 3.81 -8.33
C LEU A 74 -9.47 2.42 -8.69
N ARG A 75 -10.38 1.44 -8.58
CA ARG A 75 -9.92 0.08 -8.84
C ARG A 75 -10.40 -0.47 -10.16
N THR A 76 -11.65 -0.14 -10.53
CA THR A 76 -12.17 -0.74 -11.75
C THR A 76 -11.39 -0.42 -13.02
N PRO A 77 -10.69 0.69 -13.21
CA PRO A 77 -9.83 0.79 -14.39
C PRO A 77 -8.74 -0.25 -14.47
N PHE A 78 -8.47 -0.97 -13.38
CA PHE A 78 -7.38 -1.94 -13.46
C PHE A 78 -7.89 -3.37 -13.58
N TYR A 79 -9.22 -3.53 -13.75
CA TYR A 79 -9.74 -4.86 -13.94
C TYR A 79 -9.30 -5.42 -15.31
N ARG A 80 -9.18 -4.49 -16.24
CA ARG A 80 -8.93 -4.86 -17.60
C ARG A 80 -7.68 -5.71 -17.71
N GLY A 81 -7.81 -6.75 -18.52
CA GLY A 81 -6.70 -7.63 -18.82
C GLY A 81 -6.51 -8.74 -17.80
N SER A 82 -7.37 -8.82 -16.80
CA SER A 82 -7.33 -9.87 -15.79
C SER A 82 -7.71 -11.19 -16.43
N ASP A 83 -6.87 -12.21 -16.25
CA ASP A 83 -7.08 -13.51 -16.83
C ASP A 83 -7.81 -14.46 -15.89
N CYS A 84 -7.86 -14.14 -14.61
CA CYS A 84 -8.56 -14.91 -13.58
C CYS A 84 -8.92 -13.96 -12.43
N CYS A 85 -10.06 -14.23 -11.82
CA CYS A 85 -10.52 -13.45 -10.66
C CYS A 85 -10.65 -14.37 -9.45
N LEU A 86 -9.91 -14.05 -8.38
CA LEU A 86 -9.95 -14.75 -7.10
C LEU A 86 -10.91 -13.97 -6.18
N LEU A 87 -12.17 -14.42 -6.15
CA LEU A 87 -13.15 -13.86 -5.25
C LEU A 87 -12.87 -14.33 -3.82
N THR A 88 -12.62 -13.38 -2.94
CA THR A 88 -12.16 -13.67 -1.59
C THR A 88 -13.10 -13.18 -0.51
N PHE A 89 -13.35 -14.05 0.47
CA PHE A 89 -14.01 -13.70 1.72
C PHE A 89 -13.20 -14.31 2.86
N SER A 90 -13.61 -14.03 4.11
CA SER A 90 -12.90 -14.71 5.20
C SER A 90 -13.96 -15.47 6.00
N VAL A 91 -13.58 -16.63 6.50
CA VAL A 91 -14.59 -17.55 7.03
C VAL A 91 -15.13 -17.07 8.37
N ASP A 92 -14.43 -16.09 8.93
CA ASP A 92 -14.84 -15.50 10.19
C ASP A 92 -15.86 -14.39 9.98
N ASP A 93 -16.34 -14.22 8.75
CA ASP A 93 -17.11 -13.01 8.41
C ASP A 93 -18.17 -13.28 7.37
N SER A 94 -19.41 -13.49 7.82
CA SER A 94 -20.44 -13.96 6.92
C SER A 94 -20.79 -12.91 5.86
N GLN A 95 -20.62 -11.68 6.31
CA GLN A 95 -20.88 -10.53 5.46
C GLN A 95 -19.99 -10.56 4.21
N SER A 96 -18.73 -10.89 4.45
CA SER A 96 -17.73 -10.98 3.37
C SER A 96 -18.14 -12.09 2.42
N PHE A 97 -18.67 -13.17 2.99
CA PHE A 97 -19.17 -14.26 2.16
C PHE A 97 -20.42 -13.86 1.42
N GLN A 98 -21.30 -13.14 2.14
CA GLN A 98 -22.53 -12.69 1.49
C GLN A 98 -22.26 -11.75 0.34
N ASN A 99 -21.17 -10.98 0.40
CA ASN A 99 -20.86 -10.07 -0.68
C ASN A 99 -20.14 -10.63 -1.90
N LEU A 100 -19.98 -11.94 -2.01
CA LEU A 100 -19.31 -12.54 -3.16
C LEU A 100 -20.02 -12.24 -4.47
N SER A 101 -21.35 -12.35 -4.52
CA SER A 101 -22.08 -12.09 -5.75
C SER A 101 -21.91 -10.66 -6.22
N ASN A 102 -21.86 -9.74 -5.27
CA ASN A 102 -21.57 -8.34 -5.50
C ASN A 102 -20.22 -8.16 -6.19
N TRP A 103 -19.21 -8.82 -5.64
CA TRP A 103 -17.87 -8.69 -6.24
C TRP A 103 -17.84 -9.31 -7.62
N LYS A 104 -18.48 -10.47 -7.80
CA LYS A 104 -18.49 -11.09 -9.12
C LYS A 104 -19.13 -10.19 -10.15
N LYS A 105 -20.26 -9.58 -9.76
CA LYS A 105 -20.97 -8.73 -10.72
C LYS A 105 -20.13 -7.50 -11.09
N GLU A 106 -19.47 -6.94 -10.07
CA GLU A 106 -18.64 -5.78 -10.35
C GLU A 106 -17.50 -6.12 -11.29
N PHE A 107 -16.82 -7.23 -11.01
CA PHE A 107 -15.77 -7.71 -11.88
C PHE A 107 -16.30 -7.86 -13.31
N ILE A 108 -17.44 -8.54 -13.44
CA ILE A 108 -17.97 -8.81 -14.76
C ILE A 108 -18.34 -7.52 -15.46
N TYR A 109 -18.96 -6.59 -14.71
CA TYR A 109 -19.29 -5.31 -15.35
C TYR A 109 -18.03 -4.64 -15.88
N TYR A 110 -16.99 -4.53 -15.06
CA TYR A 110 -15.90 -3.64 -15.45
C TYR A 110 -14.74 -4.27 -16.18
N ALA A 111 -14.55 -5.59 -16.06
CA ALA A 111 -13.46 -6.31 -16.70
C ALA A 111 -13.67 -6.54 -18.20
N ASP A 112 -14.92 -6.73 -18.60
CA ASP A 112 -15.26 -7.02 -19.99
C ASP A 112 -14.36 -8.12 -20.54
N VAL A 113 -14.60 -9.33 -20.08
CA VAL A 113 -13.87 -10.51 -20.51
C VAL A 113 -14.57 -11.12 -21.72
N PRO A 116 -19.31 -14.25 -21.11
CA PRO A 116 -18.71 -15.58 -20.94
C PRO A 116 -18.87 -16.07 -19.52
N GLU A 117 -19.55 -17.21 -19.37
CA GLU A 117 -19.78 -17.77 -18.03
C GLU A 117 -18.71 -18.85 -17.77
N SER A 118 -17.73 -18.77 -18.66
CA SER A 118 -16.56 -19.62 -18.68
C SER A 118 -15.30 -18.86 -18.25
N PHE A 119 -15.47 -17.67 -17.68
CA PHE A 119 -14.29 -16.93 -17.22
C PHE A 119 -13.73 -17.64 -15.99
N PRO A 120 -12.41 -17.71 -15.84
CA PRO A 120 -11.88 -18.36 -14.65
C PRO A 120 -12.11 -17.53 -13.39
N PHE A 121 -12.86 -18.11 -12.46
CA PHE A 121 -13.02 -17.60 -11.11
C PHE A 121 -12.58 -18.68 -10.11
N VAL A 122 -11.95 -18.23 -9.04
CA VAL A 122 -11.52 -19.13 -7.97
C VAL A 122 -11.96 -18.49 -6.68
N ILE A 123 -12.45 -19.33 -5.76
CA ILE A 123 -13.02 -18.76 -4.54
C ILE A 123 -12.18 -19.14 -3.33
N LEU A 124 -11.80 -18.11 -2.57
CA LEU A 124 -10.97 -18.34 -1.40
C LEU A 124 -11.71 -17.95 -0.14
N GLY A 125 -11.90 -18.94 0.74
CA GLY A 125 -12.36 -18.59 2.07
C GLY A 125 -11.16 -18.48 2.99
N ASN A 126 -10.75 -17.28 3.35
CA ASN A 126 -9.51 -17.05 4.07
C ASN A 126 -9.71 -17.04 5.59
N LYS A 127 -8.60 -17.06 6.31
CA LYS A 127 -8.46 -16.96 7.74
C LYS A 127 -9.03 -18.22 8.42
N ILE A 128 -8.87 -19.35 7.75
CA ILE A 128 -9.33 -20.63 8.30
C ILE A 128 -8.59 -21.00 9.58
N ASP A 129 -7.45 -20.39 9.83
CA ASP A 129 -6.72 -20.49 11.08
C ASP A 129 -7.54 -19.97 12.27
N ILE A 130 -8.57 -19.22 11.97
CA ILE A 130 -9.53 -18.66 12.92
C ILE A 130 -10.59 -19.69 13.21
N SER A 131 -10.51 -20.32 14.39
CA SER A 131 -11.44 -21.39 14.72
C SER A 131 -12.89 -20.90 14.81
N GLU A 132 -13.10 -19.65 15.19
CA GLU A 132 -14.45 -19.10 15.33
C GLU A 132 -14.97 -18.51 14.02
N ARG A 133 -15.63 -19.37 13.25
CA ARG A 133 -16.12 -19.04 11.93
C ARG A 133 -17.58 -18.56 11.99
N GLN A 134 -17.95 -17.81 10.98
CA GLN A 134 -19.29 -17.34 10.70
C GLN A 134 -19.90 -18.02 9.47
N VAL A 135 -19.07 -18.72 8.72
CA VAL A 135 -19.37 -19.35 7.46
C VAL A 135 -18.89 -20.80 7.46
N SER A 136 -19.79 -21.72 7.14
CA SER A 136 -19.47 -23.13 7.18
C SER A 136 -18.85 -23.55 5.85
N THR A 137 -17.99 -24.56 5.88
CA THR A 137 -17.36 -25.00 4.64
C THR A 137 -18.42 -25.45 3.64
N GLU A 138 -19.45 -26.07 4.20
CA GLU A 138 -20.53 -26.60 3.39
C GLU A 138 -21.32 -25.49 2.71
N GLU A 139 -21.68 -24.41 3.40
CA GLU A 139 -22.43 -23.37 2.66
C GLU A 139 -21.53 -22.66 1.66
N ALA A 140 -20.23 -22.55 1.99
CA ALA A 140 -19.42 -21.87 0.97
C ALA A 140 -19.30 -22.80 -0.22
N GLN A 141 -19.10 -24.07 0.11
CA GLN A 141 -18.96 -25.06 -0.97
C GLN A 141 -20.20 -25.11 -1.84
N ALA A 142 -21.34 -25.00 -1.16
CA ALA A 142 -22.67 -24.92 -1.75
C ALA A 142 -22.74 -23.77 -2.74
N TRP A 143 -22.48 -22.59 -2.19
CA TRP A 143 -22.48 -21.37 -3.00
C TRP A 143 -21.68 -21.53 -4.28
N CYS A 144 -20.48 -22.11 -4.16
CA CYS A 144 -19.61 -22.23 -5.33
C CYS A 144 -20.22 -23.13 -6.39
N ARG A 145 -20.87 -24.19 -5.92
CA ARG A 145 -21.57 -25.11 -6.80
C ARG A 145 -22.65 -24.41 -7.60
N ASP A 146 -23.52 -23.73 -6.87
CA ASP A 146 -24.68 -23.11 -7.50
C ASP A 146 -24.34 -21.82 -8.24
N ASN A 147 -23.12 -21.30 -8.14
CA ASN A 147 -22.85 -20.00 -8.76
C ASN A 147 -21.80 -20.00 -9.84
N GLY A 148 -21.67 -21.14 -10.53
CA GLY A 148 -20.67 -21.28 -11.58
C GLY A 148 -19.78 -22.48 -11.31
N ASP A 149 -19.98 -23.15 -10.17
CA ASP A 149 -19.22 -24.36 -9.93
C ASP A 149 -17.74 -24.08 -9.89
N TYR A 150 -17.39 -22.95 -9.29
CA TYR A 150 -15.99 -22.56 -9.19
C TYR A 150 -15.22 -23.42 -8.19
N PRO A 151 -13.90 -23.52 -8.33
CA PRO A 151 -13.09 -24.19 -7.31
C PRO A 151 -13.04 -23.34 -6.04
N TYR A 152 -13.09 -24.00 -4.89
CA TYR A 152 -13.08 -23.35 -3.60
C TYR A 152 -11.89 -23.80 -2.76
N PHE A 153 -11.18 -22.82 -2.21
CA PHE A 153 -10.11 -23.10 -1.28
C PHE A 153 -10.34 -22.39 0.05
N GLU A 154 -10.22 -23.20 1.10
CA GLU A 154 -10.08 -22.62 2.43
C GLU A 154 -8.61 -22.33 2.68
N THR A 155 -8.28 -21.06 2.91
CA THR A 155 -6.90 -20.66 3.01
C THR A 155 -6.61 -19.94 4.31
N SER A 156 -5.33 -19.85 4.64
CA SER A 156 -4.84 -18.99 5.69
C SER A 156 -3.52 -18.38 5.20
N ALA A 157 -3.56 -17.08 4.95
CA ALA A 157 -2.38 -16.29 4.62
C ALA A 157 -1.42 -16.32 5.81
N LYS A 158 -1.99 -16.30 7.01
CA LYS A 158 -1.19 -16.34 8.22
C LYS A 158 -0.37 -17.62 8.35
N ASP A 159 -1.00 -18.77 8.11
CA ASP A 159 -0.23 -20.00 8.31
C ASP A 159 0.15 -20.66 6.98
N ALA A 160 -0.18 -20.05 5.87
CA ALA A 160 0.16 -20.43 4.51
C ALA A 160 -0.70 -21.54 3.91
N THR A 161 -1.58 -22.09 4.71
CA THR A 161 -2.47 -23.19 4.41
C THR A 161 -3.23 -23.02 3.09
N ASN A 162 -3.05 -23.91 2.12
CA ASN A 162 -3.68 -23.95 0.82
C ASN A 162 -3.48 -22.72 -0.05
N VAL A 163 -2.55 -21.82 0.29
CA VAL A 163 -2.44 -20.58 -0.48
C VAL A 163 -1.80 -20.80 -1.84
N ALA A 164 -0.63 -21.42 -1.91
CA ALA A 164 -0.09 -21.77 -3.23
C ALA A 164 -1.06 -22.68 -4.00
N ALA A 165 -1.69 -23.64 -3.33
CA ALA A 165 -2.68 -24.49 -3.97
C ALA A 165 -3.74 -23.67 -4.68
N ALA A 166 -4.23 -22.62 -4.02
CA ALA A 166 -5.29 -21.83 -4.65
C ALA A 166 -4.76 -20.99 -5.81
N PHE A 167 -3.59 -20.39 -5.65
CA PHE A 167 -3.02 -19.64 -6.78
C PHE A 167 -2.62 -20.54 -7.95
N GLU A 168 -2.16 -21.75 -7.64
CA GLU A 168 -1.81 -22.67 -8.70
C GLU A 168 -3.00 -23.11 -9.53
N GLU A 169 -4.16 -23.21 -8.90
CA GLU A 169 -5.39 -23.56 -9.63
C GLU A 169 -5.76 -22.44 -10.58
N ALA A 170 -5.51 -21.22 -10.15
CA ALA A 170 -5.71 -20.04 -10.99
C ALA A 170 -4.80 -20.09 -12.21
N VAL A 171 -3.51 -20.30 -11.97
CA VAL A 171 -2.54 -20.46 -13.05
C VAL A 171 -3.03 -21.49 -14.04
N ARG A 172 -3.57 -22.61 -13.51
CA ARG A 172 -3.84 -23.65 -14.52
C ARG A 172 -5.13 -23.34 -15.28
N ARG A 173 -6.02 -22.63 -14.60
CA ARG A 173 -7.26 -22.16 -15.18
C ARG A 173 -7.00 -21.15 -16.31
N VAL A 174 -6.04 -20.28 -16.06
CA VAL A 174 -5.62 -19.26 -17.03
C VAL A 174 -4.98 -19.98 -18.20
N LEU A 175 -3.97 -20.78 -17.86
CA LEU A 175 -3.25 -21.58 -18.85
C LEU A 175 -4.20 -22.49 -19.59
N ALA A 176 -5.29 -22.87 -18.94
CA ALA A 176 -6.35 -23.54 -19.70
C ALA A 176 -7.28 -22.49 -20.31
N GLY B 1 4.07 22.12 23.42
CA GLY B 1 4.59 20.79 23.15
C GLY B 1 3.55 19.74 23.52
N ALA B 2 4.04 18.57 23.93
CA ALA B 2 3.20 17.48 24.39
C ALA B 2 2.51 17.83 25.72
N MET B 3 1.23 17.54 25.82
CA MET B 3 0.34 17.66 26.96
C MET B 3 0.03 16.26 27.46
N ALA B 4 0.54 15.93 28.65
CA ALA B 4 0.41 14.56 29.15
C ALA B 4 -1.06 14.20 29.32
N GLY B 5 -1.37 13.00 28.85
CA GLY B 5 -2.68 12.41 29.01
C GLY B 5 -3.56 12.67 27.81
N LYS B 6 -3.10 13.60 26.97
CA LYS B 6 -3.84 13.95 25.79
C LYS B 6 -3.61 12.90 24.68
N SER B 7 -4.64 12.70 23.88
CA SER B 7 -4.59 11.80 22.74
C SER B 7 -4.73 12.61 21.44
N SER B 8 -3.83 12.38 20.49
CA SER B 8 -3.97 13.03 19.20
C SER B 8 -3.75 12.06 18.05
N LEU B 9 -4.32 12.45 16.93
CA LEU B 9 -4.12 11.78 15.66
C LEU B 9 -3.46 12.77 14.71
N PHE B 10 -2.25 12.45 14.27
CA PHE B 10 -1.53 13.34 13.36
C PHE B 10 -1.39 12.70 11.98
N LYS B 11 -1.71 13.56 11.00
CA LYS B 11 -1.53 13.16 9.61
C LYS B 11 -0.19 13.67 9.09
N VAL B 12 0.68 12.73 8.81
CA VAL B 12 2.02 13.00 8.28
C VAL B 12 2.16 12.52 6.85
N ILE B 13 2.57 13.42 5.96
CA ILE B 13 2.72 12.99 4.58
C ILE B 13 4.17 13.08 4.16
N LEU B 14 4.61 12.20 3.26
CA LEU B 14 5.90 12.43 2.60
C LEU B 14 5.60 12.83 1.14
N LEU B 15 6.35 13.81 0.64
CA LEU B 15 6.26 14.34 -0.69
C LEU B 15 7.62 14.23 -1.38
N GLY B 16 7.57 13.94 -2.67
CA GLY B 16 8.87 13.88 -3.37
C GLY B 16 8.75 13.12 -4.65
N ASP B 17 9.78 13.26 -5.50
CA ASP B 17 9.72 12.56 -6.77
C ASP B 17 9.66 11.04 -6.57
N GLY B 18 9.15 10.38 -7.61
CA GLY B 18 9.14 8.94 -7.69
C GLY B 18 10.54 8.37 -7.56
N GLY B 19 10.70 7.32 -6.78
CA GLY B 19 11.96 6.64 -6.63
C GLY B 19 12.84 7.19 -5.55
N VAL B 20 12.51 8.34 -4.97
CA VAL B 20 13.41 8.89 -3.95
C VAL B 20 13.43 8.05 -2.68
N GLY B 21 12.52 7.10 -2.52
CA GLY B 21 12.51 6.20 -1.38
C GLY B 21 11.42 6.44 -0.35
N LYS B 22 10.32 7.07 -0.74
CA LYS B 22 9.28 7.41 0.23
C LYS B 22 8.65 6.18 0.87
N SER B 23 8.21 5.22 0.05
CA SER B 23 7.54 4.06 0.64
C SER B 23 8.53 3.32 1.53
N SER B 24 9.75 3.16 1.01
CA SER B 24 10.79 2.50 1.76
C SER B 24 10.98 3.15 3.13
N LEU B 25 10.98 4.48 3.10
CA LEU B 25 11.20 5.22 4.35
C LEU B 25 10.06 4.97 5.32
N MET B 26 8.83 5.00 4.82
CA MET B 26 7.70 4.69 5.69
C MET B 26 7.79 3.29 6.28
N ASN B 27 8.11 2.35 5.38
CA ASN B 27 8.19 0.96 5.80
C ASN B 27 9.29 0.80 6.84
N ARG B 28 10.40 1.49 6.58
CA ARG B 28 11.51 1.42 7.53
C ARG B 28 11.10 1.95 8.90
N TYR B 29 10.53 3.13 8.94
CA TYR B 29 10.12 3.73 10.20
C TYR B 29 9.08 2.91 10.94
N VAL B 30 8.05 2.46 10.23
CA VAL B 30 6.98 1.78 10.94
C VAL B 30 7.24 0.33 11.31
N THR B 31 7.90 -0.39 10.41
CA THR B 31 8.08 -1.81 10.60
C THR B 31 9.54 -2.16 10.89
N ASN B 32 10.37 -1.14 10.96
CA ASN B 32 11.77 -1.28 11.34
C ASN B 32 12.48 -2.29 10.47
N LYS B 33 12.25 -2.18 9.16
CA LYS B 33 12.85 -3.06 8.18
C LYS B 33 12.90 -2.39 6.82
N PHE B 34 13.79 -2.88 5.99
CA PHE B 34 13.94 -2.50 4.60
C PHE B 34 13.62 -3.70 3.71
N ASP B 35 12.58 -3.59 2.88
CA ASP B 35 12.24 -4.68 1.97
C ASP B 35 12.67 -4.36 0.55
N LEU B 38 8.44 -5.05 -2.03
CA LEU B 38 7.32 -4.16 -1.71
C LEU B 38 6.28 -4.21 -2.84
N PHE B 39 5.02 -3.97 -2.47
CA PHE B 39 3.99 -3.99 -3.49
C PHE B 39 4.14 -2.79 -4.42
N HIS B 40 3.75 -3.01 -5.67
CA HIS B 40 3.53 -1.89 -6.57
C HIS B 40 2.11 -1.40 -6.29
N THR B 41 2.10 -0.40 -5.42
CA THR B 41 0.85 0.20 -5.01
C THR B 41 0.52 1.36 -5.94
N ILE B 42 -0.77 1.56 -6.16
CA ILE B 42 -1.20 2.59 -7.08
C ILE B 42 -2.33 3.42 -6.50
N GLY B 43 -2.13 4.71 -6.39
CA GLY B 43 -3.07 5.61 -5.78
C GLY B 43 -2.41 6.26 -4.56
N VAL B 44 -2.93 6.01 -3.38
CA VAL B 44 -2.39 6.62 -2.16
C VAL B 44 -2.23 5.47 -1.17
N GLU B 45 -1.23 5.58 -0.30
CA GLU B 45 -0.99 4.50 0.65
C GLU B 45 -0.68 5.09 2.01
N PHE B 46 -0.91 4.30 3.06
CA PHE B 46 -0.60 4.81 4.40
C PHE B 46 -0.35 3.66 5.36
N LEU B 47 0.34 4.07 6.42
CA LEU B 47 0.63 3.24 7.58
C LEU B 47 0.29 3.98 8.86
N ASN B 48 0.06 3.18 9.90
CA ASN B 48 -0.20 3.75 11.21
C ASN B 48 0.98 3.43 12.13
N LYS B 49 1.28 4.40 12.98
CA LYS B 49 2.25 4.16 14.04
C LYS B 49 1.80 4.93 15.28
N ASP B 50 1.78 4.17 16.37
CA ASP B 50 1.38 4.71 17.66
C ASP B 50 2.62 5.04 18.47
N LEU B 51 2.55 6.22 19.09
CA LEU B 51 3.61 6.80 19.87
C LEU B 51 3.10 7.37 21.19
N GLU B 52 4.05 7.40 22.12
CA GLU B 52 3.91 8.20 23.33
C GLU B 52 5.03 9.24 23.35
N VAL B 53 4.66 10.49 23.53
CA VAL B 53 5.65 11.57 23.58
C VAL B 53 5.43 12.40 24.85
N ASP B 54 6.28 12.19 25.83
CA ASP B 54 6.11 12.86 27.11
C ASP B 54 4.70 12.68 27.64
N GLY B 55 4.17 11.46 27.65
CA GLY B 55 2.84 11.23 28.18
C GLY B 55 1.70 11.59 27.26
N HIS B 56 2.03 12.18 26.12
CA HIS B 56 0.98 12.50 25.13
C HIS B 56 0.88 11.34 24.12
N PHE B 57 -0.32 10.84 23.93
CA PHE B 57 -0.58 9.70 23.06
C PHE B 57 -0.83 10.21 21.63
N VAL B 58 0.14 9.91 20.78
CA VAL B 58 0.12 10.28 19.38
C VAL B 58 -0.09 9.08 18.48
N THR B 59 -1.17 9.10 17.71
CA THR B 59 -1.25 8.10 16.64
C THR B 59 -0.85 8.82 15.36
N MET B 60 0.18 8.33 14.70
CA MET B 60 0.59 8.92 13.45
C MET B 60 0.05 8.11 12.26
N GLN B 61 -0.70 8.81 11.41
CA GLN B 61 -1.07 8.20 10.13
C GLN B 61 -0.13 8.82 9.09
N ILE B 62 0.65 7.95 8.47
CA ILE B 62 1.64 8.42 7.51
C ILE B 62 1.21 8.02 6.12
N TRP B 63 1.22 8.99 5.23
CA TRP B 63 0.69 8.82 3.90
C TRP B 63 1.69 9.25 2.82
N ASP B 64 1.62 8.60 1.69
CA ASP B 64 2.30 9.17 0.52
C ASP B 64 1.58 8.69 -0.73
N THR B 65 2.02 9.24 -1.85
CA THR B 65 1.47 8.92 -3.16
C THR B 65 2.05 7.62 -3.67
N ALA B 66 1.23 6.68 -4.11
CA ALA B 66 1.61 5.37 -4.60
C ALA B 66 1.64 5.30 -6.13
N GLY B 67 2.79 4.91 -6.69
CA GLY B 67 2.93 4.84 -8.14
C GLY B 67 3.03 6.26 -8.69
N GLN B 68 3.15 6.42 -10.01
CA GLN B 68 3.05 7.77 -10.55
C GLN B 68 1.77 8.45 -10.09
N GLU B 69 1.60 9.76 -10.29
CA GLU B 69 0.28 10.28 -9.84
C GLU B 69 -0.63 10.50 -11.04
N ARG B 70 -1.62 9.63 -11.20
CA ARG B 70 -2.54 9.78 -12.33
C ARG B 70 -3.95 10.19 -11.92
N PHE B 71 -4.44 9.71 -10.80
CA PHE B 71 -5.80 10.00 -10.36
C PHE B 71 -5.89 11.27 -9.52
N ARG B 72 -6.22 12.32 -10.26
CA ARG B 72 -6.27 13.62 -9.66
C ARG B 72 -7.32 13.73 -8.53
N SER B 73 -8.29 12.82 -8.51
CA SER B 73 -9.31 12.90 -7.44
C SER B 73 -8.68 12.56 -6.09
N LEU B 74 -7.49 11.95 -6.12
CA LEU B 74 -6.88 11.60 -4.84
C LEU B 74 -6.08 12.76 -4.28
N ARG B 75 -5.73 13.70 -5.16
CA ARG B 75 -4.85 14.77 -4.69
C ARG B 75 -5.43 15.53 -3.52
N THR B 76 -6.67 16.00 -3.62
CA THR B 76 -7.21 16.83 -2.54
C THR B 76 -7.38 16.04 -1.25
N PRO B 77 -7.92 14.84 -1.23
CA PRO B 77 -8.01 14.13 0.08
C PRO B 77 -6.62 13.71 0.55
N PHE B 78 -5.70 13.50 -0.39
CA PHE B 78 -4.33 13.17 0.02
C PHE B 78 -3.79 14.29 0.91
N TYR B 79 -3.80 15.54 0.45
CA TYR B 79 -3.25 16.66 1.17
C TYR B 79 -4.12 17.15 2.32
N ARG B 80 -5.42 16.87 2.26
CA ARG B 80 -6.34 17.43 3.24
C ARG B 80 -5.95 17.08 4.68
N GLY B 81 -5.95 18.08 5.52
CA GLY B 81 -5.66 18.03 6.92
C GLY B 81 -4.30 17.51 7.30
N SER B 82 -3.31 17.65 6.41
CA SER B 82 -1.96 17.23 6.79
C SER B 82 -1.44 18.13 7.89
N ASP B 83 -0.78 17.49 8.86
CA ASP B 83 -0.20 18.19 10.00
C ASP B 83 1.31 18.35 9.84
N CYS B 84 1.90 17.54 8.98
CA CYS B 84 3.33 17.56 8.73
C CYS B 84 3.64 17.11 7.31
N CYS B 85 4.70 17.69 6.75
CA CYS B 85 5.17 17.37 5.41
C CYS B 85 6.68 17.10 5.41
N LEU B 86 7.03 15.88 5.06
CA LEU B 86 8.36 15.36 4.91
C LEU B 86 8.73 15.48 3.43
N LEU B 87 9.38 16.59 3.13
CA LEU B 87 9.80 16.85 1.75
C LEU B 87 11.06 16.02 1.53
N THR B 88 10.97 15.08 0.60
CA THR B 88 11.97 14.05 0.47
C THR B 88 12.67 14.14 -0.87
N PHE B 89 13.99 13.99 -0.86
CA PHE B 89 14.68 13.85 -2.15
C PHE B 89 15.70 12.73 -2.01
N SER B 90 16.36 12.42 -3.12
CA SER B 90 17.43 11.43 -3.07
C SER B 90 18.77 12.14 -3.32
N VAL B 91 19.70 12.03 -2.39
CA VAL B 91 21.04 12.61 -2.55
C VAL B 91 21.68 12.17 -3.86
N ASP B 92 21.33 11.00 -4.38
CA ASP B 92 21.91 10.54 -5.64
C ASP B 92 21.11 11.03 -6.84
N ASP B 93 20.23 12.01 -6.67
CA ASP B 93 19.35 12.51 -7.72
C ASP B 93 19.14 14.01 -7.61
N SER B 94 19.77 14.81 -8.47
CA SER B 94 19.72 16.27 -8.33
C SER B 94 18.44 16.89 -8.85
N GLN B 95 17.74 16.23 -9.78
CA GLN B 95 16.42 16.74 -10.11
C GLN B 95 15.50 16.65 -8.88
N SER B 96 15.62 15.52 -8.21
CA SER B 96 14.80 15.26 -7.01
C SER B 96 14.91 16.43 -6.06
N PHE B 97 16.16 16.88 -5.91
CA PHE B 97 16.48 17.98 -5.01
C PHE B 97 15.95 19.31 -5.52
N GLN B 98 16.12 19.59 -6.81
CA GLN B 98 15.67 20.82 -7.43
C GLN B 98 14.15 20.98 -7.35
N ASN B 99 13.50 19.82 -7.38
CA ASN B 99 12.05 19.76 -7.32
C ASN B 99 11.46 20.07 -5.96
N LEU B 100 12.28 20.16 -4.91
CA LEU B 100 11.81 20.48 -3.56
C LEU B 100 10.93 21.72 -3.54
N SER B 101 11.39 22.80 -4.15
CA SER B 101 10.58 24.02 -4.19
C SER B 101 9.21 23.73 -4.79
N ASN B 102 9.22 22.84 -5.78
CA ASN B 102 7.96 22.57 -6.47
C ASN B 102 7.01 21.86 -5.51
N TRP B 103 7.53 20.80 -4.90
CA TRP B 103 6.71 20.03 -3.98
C TRP B 103 6.18 20.89 -2.83
N LYS B 104 7.03 21.77 -2.30
CA LYS B 104 6.65 22.62 -1.18
C LYS B 104 5.49 23.52 -1.56
N LYS B 105 5.60 24.09 -2.76
CA LYS B 105 4.55 24.95 -3.27
C LYS B 105 3.25 24.18 -3.46
N GLU B 106 3.33 22.98 -4.03
CA GLU B 106 2.07 22.23 -4.21
C GLU B 106 1.42 21.88 -2.88
N PHE B 107 2.26 21.50 -1.91
CA PHE B 107 1.73 21.19 -0.59
C PHE B 107 1.04 22.41 0.00
N ILE B 108 1.72 23.55 -0.13
CA ILE B 108 1.14 24.73 0.52
C ILE B 108 -0.21 25.06 -0.09
N TYR B 109 -0.33 24.94 -1.41
CA TYR B 109 -1.63 25.16 -2.01
C TYR B 109 -2.67 24.14 -1.55
N TYR B 110 -2.42 22.88 -1.85
CA TYR B 110 -3.43 21.84 -1.71
C TYR B 110 -3.74 21.41 -0.28
N ALA B 111 -2.84 21.66 0.67
CA ALA B 111 -3.10 21.38 2.07
C ALA B 111 -3.67 22.65 2.69
N ASP B 112 -3.77 23.67 1.81
CA ASP B 112 -4.25 24.98 2.23
C ASP B 112 -3.42 25.46 3.41
N VAL B 113 -2.12 25.68 3.17
CA VAL B 113 -1.34 26.09 4.35
C VAL B 113 -1.37 27.60 4.45
N LYS B 114 -2.08 28.11 5.46
CA LYS B 114 -2.13 29.57 5.54
C LYS B 114 -0.82 30.15 6.08
N GLU B 115 0.01 29.35 6.76
CA GLU B 115 1.25 29.91 7.28
C GLU B 115 2.45 28.98 7.14
N PRO B 116 2.93 28.80 5.91
CA PRO B 116 4.02 27.85 5.64
C PRO B 116 5.21 28.08 6.56
N GLU B 117 5.44 29.35 6.85
CA GLU B 117 6.56 29.79 7.65
C GLU B 117 6.72 28.96 8.92
N SER B 118 5.61 28.75 9.64
CA SER B 118 5.65 27.99 10.88
C SER B 118 5.14 26.57 10.71
N PHE B 119 4.89 26.17 9.46
CA PHE B 119 4.37 24.82 9.22
C PHE B 119 5.41 23.73 9.45
N PRO B 120 5.06 22.61 10.08
CA PRO B 120 6.04 21.53 10.24
C PRO B 120 6.46 20.90 8.93
N PHE B 121 7.53 21.45 8.38
CA PHE B 121 8.20 20.82 7.24
C PHE B 121 9.51 20.20 7.71
N VAL B 122 9.78 18.98 7.28
CA VAL B 122 11.09 18.38 7.51
C VAL B 122 11.67 17.92 6.18
N ILE B 123 12.98 18.07 5.99
CA ILE B 123 13.55 17.68 4.69
C ILE B 123 14.41 16.44 4.86
N LEU B 124 14.17 15.44 4.00
CA LEU B 124 14.99 14.24 3.99
C LEU B 124 15.72 14.10 2.65
N GLY B 125 17.04 14.01 2.76
CA GLY B 125 17.85 13.61 1.61
C GLY B 125 18.15 12.13 1.80
N ASN B 126 17.43 11.26 1.09
CA ASN B 126 17.57 9.83 1.28
C ASN B 126 18.69 9.21 0.46
N LYS B 127 19.01 7.97 0.75
CA LYS B 127 19.91 7.16 -0.06
C LYS B 127 21.35 7.63 0.20
N ILE B 128 21.57 8.00 1.45
CA ILE B 128 22.88 8.49 1.90
C ILE B 128 23.93 7.38 1.82
N ASP B 129 23.51 6.15 2.04
CA ASP B 129 24.24 4.90 2.00
C ASP B 129 24.69 4.51 0.59
N ILE B 130 24.59 5.43 -0.35
CA ILE B 130 24.93 5.19 -1.74
C ILE B 130 26.18 6.00 -2.11
N SER B 131 27.13 5.35 -2.75
CA SER B 131 28.39 5.96 -3.17
C SER B 131 28.28 6.46 -4.62
N GLU B 132 27.61 7.60 -4.79
CA GLU B 132 27.40 8.19 -6.10
C GLU B 132 26.42 9.36 -6.02
N ARG B 133 26.78 10.33 -5.19
CA ARG B 133 25.97 11.50 -4.92
C ARG B 133 25.96 12.50 -6.08
N GLN B 134 24.85 13.21 -6.19
CA GLN B 134 24.58 14.34 -7.05
C GLN B 134 24.30 15.62 -6.27
N VAL B 135 24.18 15.50 -4.95
CA VAL B 135 23.80 16.64 -4.13
C VAL B 135 24.73 16.68 -2.92
N SER B 136 25.25 17.89 -2.72
CA SER B 136 26.09 18.11 -1.56
C SER B 136 25.21 18.38 -0.36
N THR B 137 25.67 17.90 0.78
CA THR B 137 25.19 18.29 2.09
C THR B 137 25.17 19.79 2.26
N GLU B 138 26.18 20.47 1.70
CA GLU B 138 26.22 21.93 1.89
C GLU B 138 25.12 22.57 1.04
N GLU B 139 24.96 22.02 -0.16
CA GLU B 139 23.91 22.41 -1.07
C GLU B 139 22.55 22.21 -0.39
N ALA B 140 22.38 21.02 0.17
CA ALA B 140 21.11 20.67 0.81
C ALA B 140 20.89 21.50 2.06
N GLN B 141 21.95 21.65 2.85
CA GLN B 141 21.79 22.38 4.10
C GLN B 141 21.43 23.83 3.84
N ALA B 142 22.01 24.39 2.79
CA ALA B 142 21.76 25.76 2.38
C ALA B 142 20.33 25.99 1.92
N TRP B 143 19.85 25.07 1.08
CA TRP B 143 18.47 25.17 0.62
C TRP B 143 17.54 25.29 1.83
N CYS B 144 17.77 24.38 2.76
CA CYS B 144 16.95 24.35 3.97
C CYS B 144 17.00 25.65 4.73
N ARG B 145 18.19 26.21 5.00
CA ARG B 145 18.23 27.47 5.74
C ARG B 145 17.51 28.56 4.93
N ASP B 146 17.70 28.54 3.62
CA ASP B 146 17.19 29.56 2.73
C ASP B 146 15.70 29.48 2.47
N ASN B 147 15.13 28.27 2.67
CA ASN B 147 13.74 28.10 2.24
C ASN B 147 12.81 27.83 3.41
N GLY B 148 13.16 28.36 4.58
CA GLY B 148 12.37 28.27 5.78
C GLY B 148 13.04 27.68 6.99
N ASP B 149 14.34 27.41 6.88
CA ASP B 149 15.19 26.91 7.96
C ASP B 149 14.52 25.69 8.58
N TYR B 150 14.18 24.76 7.68
CA TYR B 150 13.63 23.48 8.10
C TYR B 150 14.75 22.53 8.52
N PRO B 151 14.45 21.64 9.45
CA PRO B 151 15.40 20.60 9.83
C PRO B 151 15.60 19.68 8.63
N TYR B 152 16.88 19.39 8.42
CA TYR B 152 17.36 18.52 7.38
C TYR B 152 17.89 17.22 7.95
N PHE B 153 17.47 16.12 7.31
CA PHE B 153 17.96 14.81 7.71
C PHE B 153 18.50 14.08 6.51
N GLU B 154 19.74 13.62 6.66
CA GLU B 154 20.30 12.75 5.62
C GLU B 154 20.01 11.31 6.03
N THR B 155 19.19 10.63 5.24
CA THR B 155 18.68 9.35 5.69
C THR B 155 19.07 8.22 4.74
N SER B 156 18.92 7.03 5.31
CA SER B 156 19.00 5.78 4.59
C SER B 156 17.92 4.84 5.11
N ALA B 157 16.92 4.64 4.27
CA ALA B 157 15.93 3.61 4.58
C ALA B 157 16.57 2.23 4.55
N LYS B 158 17.54 2.07 3.65
CA LYS B 158 18.20 0.78 3.51
C LYS B 158 19.00 0.42 4.74
N ASP B 159 19.60 1.42 5.40
CA ASP B 159 20.39 1.10 6.59
C ASP B 159 19.73 1.63 7.86
N ALA B 160 18.62 2.33 7.73
CA ALA B 160 17.85 2.95 8.79
C ALA B 160 18.39 4.30 9.26
N THR B 161 19.54 4.70 8.76
CA THR B 161 20.18 5.92 9.20
C THR B 161 19.26 7.13 9.25
N ASN B 162 19.04 7.62 10.47
CA ASN B 162 18.40 8.90 10.67
C ASN B 162 16.91 8.87 10.36
N VAL B 163 16.37 7.72 10.03
CA VAL B 163 14.95 7.63 9.71
C VAL B 163 14.05 7.92 10.91
N ALA B 164 14.27 7.27 12.04
CA ALA B 164 13.46 7.56 13.23
C ALA B 164 13.63 8.99 13.70
N ALA B 165 14.84 9.53 13.65
CA ALA B 165 15.11 10.90 14.08
C ALA B 165 14.26 11.89 13.30
N ALA B 166 14.22 11.61 12.01
CA ALA B 166 13.48 12.47 11.09
C ALA B 166 12.02 12.52 11.50
N PHE B 167 11.47 11.32 11.68
CA PHE B 167 10.05 11.25 12.01
C PHE B 167 9.76 11.83 13.37
N GLU B 168 10.65 11.55 14.33
CA GLU B 168 10.34 12.07 15.68
C GLU B 168 10.44 13.58 15.68
N GLU B 169 11.35 14.11 14.85
CA GLU B 169 11.45 15.57 14.75
C GLU B 169 10.13 16.13 14.23
N ALA B 170 9.59 15.43 13.25
CA ALA B 170 8.33 15.87 12.65
C ALA B 170 7.24 15.90 13.72
N VAL B 171 7.22 14.83 14.52
CA VAL B 171 6.18 14.80 15.55
C VAL B 171 6.40 15.98 16.49
N ARG B 172 7.67 16.16 16.88
CA ARG B 172 7.97 17.28 17.78
C ARG B 172 7.50 18.61 17.22
N ARG B 173 7.75 18.79 15.92
CA ARG B 173 7.34 20.03 15.28
C ARG B 173 5.82 20.17 15.28
N VAL B 174 5.10 19.08 15.03
CA VAL B 174 3.65 19.20 15.11
C VAL B 174 3.25 19.55 16.55
N LEU B 175 3.83 18.89 17.54
CA LEU B 175 3.46 19.21 18.92
C LEU B 175 3.86 20.63 19.31
#